data_4ZM8
#
_entry.id   4ZM8
#
_cell.length_a   36.615
_cell.length_b   212.682
_cell.length_c   131.530
_cell.angle_alpha   90.00
_cell.angle_beta   90.00
_cell.angle_gamma   90.00
#
_symmetry.space_group_name_H-M   'C 2 2 21'
#
loop_
_entity.id
_entity.type
_entity.pdbx_description
1 polymer 'Putative secreted cystatin'
2 water water
#
_entity_poly.entity_id   1
_entity_poly.type   'polypeptide(L)'
_entity_poly.pdbx_seq_one_letter_code
;TGVFGGYSERANHQANPEFLNLAHYATSTWSAQQPGKTHFDTVAEVVKVETQVVAGTNYRLTLKVAESTCELTSTYNKDT
CLPKADAAHRTCTTVVFENLQGDKSVSPFECEAA
;
_entity_poly.pdbx_strand_id   A,B,C,D
#
# COMPACT_ATOMS: atom_id res chain seq x y z
N PHE A 4 -5.82 -20.31 28.55
CA PHE A 4 -6.07 -18.98 28.00
C PHE A 4 -5.30 -18.77 26.69
N GLY A 5 -5.95 -19.08 25.58
CA GLY A 5 -5.34 -18.94 24.27
C GLY A 5 -4.30 -20.02 24.02
N GLY A 6 -4.47 -21.17 24.68
CA GLY A 6 -3.51 -22.24 24.57
C GLY A 6 -4.08 -23.54 25.10
N TYR A 7 -3.26 -24.59 25.12
CA TYR A 7 -3.73 -25.90 25.53
C TYR A 7 -3.86 -26.01 27.05
N SER A 8 -5.07 -26.34 27.47
CA SER A 8 -5.42 -26.57 28.86
C SER A 8 -5.53 -28.10 29.06
N GLU A 9 -4.78 -28.65 30.01
CA GLU A 9 -4.73 -30.11 30.19
C GLU A 9 -6.02 -30.68 30.81
N ARG A 10 -6.13 -32.01 30.81
CA ARG A 10 -7.33 -32.67 31.29
C ARG A 10 -7.01 -33.92 32.13
N HIS A 13 -8.59 -38.06 32.66
CA HIS A 13 -8.58 -37.97 31.19
C HIS A 13 -8.82 -39.34 30.55
N GLN A 14 -8.49 -40.39 31.27
CA GLN A 14 -8.66 -41.76 30.79
C GLN A 14 -10.09 -42.24 31.04
N ALA A 15 -10.75 -41.61 32.01
CA ALA A 15 -12.09 -41.98 32.40
C ALA A 15 -13.15 -41.53 31.38
N ASN A 16 -12.73 -40.67 30.46
CA ASN A 16 -13.64 -39.98 29.55
C ASN A 16 -13.83 -40.67 28.21
N PRO A 17 -15.05 -41.16 27.95
CA PRO A 17 -15.33 -41.87 26.69
C PRO A 17 -15.09 -41.04 25.44
N GLU A 18 -15.46 -39.76 25.42
CA GLU A 18 -15.33 -38.96 24.20
C GLU A 18 -13.87 -38.85 23.75
N PHE A 19 -12.95 -38.73 24.69
CA PHE A 19 -11.53 -38.59 24.33
C PHE A 19 -11.03 -39.91 23.79
N LEU A 20 -11.60 -40.99 24.32
CA LEU A 20 -11.19 -42.32 23.92
C LEU A 20 -11.65 -42.58 22.50
N ASN A 21 -12.87 -42.16 22.22
CA ASN A 21 -13.46 -42.26 20.88
C ASN A 21 -12.73 -41.41 19.86
N LEU A 22 -12.22 -40.26 20.28
CA LEU A 22 -11.48 -39.41 19.37
C LEU A 22 -10.12 -40.01 19.08
N ALA A 23 -9.58 -40.72 20.06
CA ALA A 23 -8.27 -41.33 19.92
C ALA A 23 -8.37 -42.55 18.99
N HIS A 24 -9.49 -43.25 19.05
CA HIS A 24 -9.68 -44.37 18.14
C HIS A 24 -9.92 -43.86 16.73
N TYR A 25 -10.82 -42.90 16.58
CA TYR A 25 -11.03 -42.25 15.30
C TYR A 25 -9.74 -41.76 14.67
N ALA A 26 -8.93 -41.03 15.44
CA ALA A 26 -7.66 -40.53 14.96
C ALA A 26 -6.70 -41.64 14.54
N THR A 27 -6.59 -42.67 15.37
CA THR A 27 -5.63 -43.75 15.14
C THR A 27 -5.99 -44.64 13.96
N SER A 28 -7.26 -45.03 13.89
CA SER A 28 -7.73 -45.89 12.81
C SER A 28 -7.56 -45.19 11.48
N THR A 29 -8.01 -43.93 11.43
CA THR A 29 -7.96 -43.06 10.25
C THR A 29 -6.56 -42.83 9.74
N TRP A 30 -5.63 -42.50 10.64
CA TRP A 30 -4.30 -42.15 10.24
C TRP A 30 -3.52 -43.35 9.70
N SER A 31 -3.52 -44.46 10.44
CA SER A 31 -2.69 -45.62 10.11
C SER A 31 -3.17 -46.37 8.85
N ALA A 32 -4.45 -46.23 8.53
CA ALA A 32 -5.03 -46.73 7.29
C ALA A 32 -4.29 -46.16 6.09
N GLN A 33 -4.18 -44.85 6.06
CA GLN A 33 -3.46 -44.16 5.00
C GLN A 33 -1.97 -44.42 5.01
N GLN A 34 -1.45 -45.11 6.01
CA GLN A 34 -0.01 -45.39 6.06
C GLN A 34 0.42 -46.56 5.17
N PRO A 35 1.59 -46.43 4.55
CA PRO A 35 2.19 -47.39 3.61
C PRO A 35 3.02 -48.43 4.33
N GLY A 36 3.05 -49.65 3.81
CA GLY A 36 3.72 -50.75 4.47
C GLY A 36 2.75 -51.44 5.42
N LYS A 37 2.02 -50.63 6.18
CA LYS A 37 1.05 -51.12 7.14
C LYS A 37 0.05 -52.06 6.47
N THR A 38 -0.23 -53.19 7.12
CA THR A 38 -1.28 -54.09 6.65
C THR A 38 -2.46 -54.13 7.63
N HIS A 39 -2.18 -53.89 8.91
CA HIS A 39 -3.22 -53.83 9.94
C HIS A 39 -3.52 -52.41 10.39
N PHE A 40 -4.68 -52.22 11.02
CA PHE A 40 -4.92 -50.97 11.73
C PHE A 40 -4.02 -50.87 12.95
N ASP A 41 -3.60 -49.65 13.27
CA ASP A 41 -3.06 -49.34 14.60
C ASP A 41 -4.26 -49.09 15.48
N THR A 42 -4.11 -49.28 16.78
CA THR A 42 -5.20 -48.95 17.69
C THR A 42 -4.68 -48.27 18.94
N VAL A 43 -5.58 -48.00 19.87
CA VAL A 43 -5.16 -47.36 21.10
C VAL A 43 -4.84 -48.39 22.18
N ALA A 44 -3.56 -48.45 22.57
CA ALA A 44 -3.16 -49.12 23.79
C ALA A 44 -3.55 -48.24 24.98
N GLU A 45 -3.13 -46.97 24.96
CA GLU A 45 -3.45 -46.04 26.04
C GLU A 45 -3.50 -44.58 25.69
N VAL A 46 -4.55 -43.91 26.17
CA VAL A 46 -4.60 -42.46 26.18
C VAL A 46 -3.78 -41.91 27.36
N VAL A 47 -2.57 -41.47 27.03
CA VAL A 47 -1.67 -40.89 27.98
C VAL A 47 -2.11 -39.49 28.40
N LYS A 48 -2.17 -38.56 27.44
CA LYS A 48 -2.53 -37.18 27.75
C LYS A 48 -3.54 -36.55 26.79
N VAL A 49 -4.35 -35.64 27.33
CA VAL A 49 -5.35 -34.93 26.55
C VAL A 49 -5.35 -33.43 26.87
N GLU A 50 -4.99 -32.63 25.87
CA GLU A 50 -5.02 -31.17 25.97
C GLU A 50 -5.98 -30.62 24.93
N THR A 51 -6.96 -29.82 25.36
CA THR A 51 -7.89 -29.21 24.42
C THR A 51 -7.57 -27.73 24.25
N GLN A 52 -8.27 -27.10 23.31
CA GLN A 52 -7.97 -25.74 22.89
C GLN A 52 -9.08 -25.20 22.01
N VAL A 53 -9.84 -24.26 22.54
CA VAL A 53 -10.93 -23.65 21.79
C VAL A 53 -10.39 -22.85 20.59
N VAL A 54 -11.02 -23.05 19.43
CA VAL A 54 -10.69 -22.28 18.24
C VAL A 54 -11.83 -21.36 17.86
N ALA A 55 -11.55 -20.06 17.87
CA ALA A 55 -12.52 -19.08 17.43
C ALA A 55 -11.88 -18.05 16.51
N GLY A 56 -12.49 -17.86 15.36
CA GLY A 56 -12.06 -16.84 14.42
C GLY A 56 -12.94 -16.75 13.20
N THR A 57 -12.48 -15.95 12.23
CA THR A 57 -13.17 -15.77 10.96
C THR A 57 -12.15 -15.92 9.85
N ASN A 58 -12.51 -16.68 8.82
CA ASN A 58 -11.66 -16.76 7.64
C ASN A 58 -12.11 -15.72 6.61
N TYR A 59 -11.17 -14.90 6.13
CA TYR A 59 -11.48 -13.96 5.08
C TYR A 59 -10.80 -14.37 3.79
N ARG A 60 -11.56 -14.86 2.82
CA ARG A 60 -10.97 -15.12 1.51
C ARG A 60 -11.04 -13.85 0.67
N LEU A 61 -9.88 -13.43 0.16
CA LEU A 61 -9.81 -12.18 -0.59
C LEU A 61 -9.44 -12.38 -2.05
N THR A 62 -10.21 -11.76 -2.94
CA THR A 62 -9.73 -11.64 -4.30
C THR A 62 -9.26 -10.22 -4.48
N LEU A 63 -8.02 -10.07 -4.95
CA LEU A 63 -7.38 -8.77 -5.00
C LEU A 63 -6.72 -8.46 -6.32
N LYS A 64 -6.73 -7.18 -6.66
CA LYS A 64 -5.82 -6.63 -7.66
C LYS A 64 -4.59 -6.11 -6.93
N VAL A 65 -3.43 -6.62 -7.29
CA VAL A 65 -2.19 -6.29 -6.58
C VAL A 65 -1.22 -5.52 -7.49
N ALA A 66 -0.51 -4.55 -6.94
CA ALA A 66 0.45 -3.75 -7.70
C ALA A 66 1.65 -3.31 -6.84
N GLU A 67 2.84 -3.27 -7.46
CA GLU A 67 4.06 -2.79 -6.81
C GLU A 67 3.78 -1.40 -6.24
N SER A 68 4.20 -1.15 -5.01
CA SER A 68 3.92 0.16 -4.39
C SER A 68 5.11 1.09 -4.47
N THR A 69 4.91 2.31 -4.00
CA THR A 69 5.99 3.29 -4.06
C THR A 69 7.07 3.05 -3.00
N CYS A 70 6.73 2.27 -1.96
CA CYS A 70 7.58 2.07 -0.80
C CYS A 70 8.57 0.89 -0.85
N GLU A 71 9.78 1.14 -0.38
CA GLU A 71 10.80 0.10 -0.22
C GLU A 71 10.42 -0.83 0.91
N LEU A 72 10.93 -2.06 0.85
CA LEU A 72 10.73 -3.04 1.91
C LEU A 72 11.49 -2.67 3.18
N THR A 73 12.56 -1.94 2.99
CA THR A 73 13.37 -1.44 4.08
C THR A 73 12.68 -0.34 4.90
N SER A 74 11.36 -0.22 4.76
CA SER A 74 10.61 0.87 5.39
C SER A 74 9.25 0.41 5.92
N THR A 75 8.58 1.29 6.66
CA THR A 75 7.32 0.95 7.31
C THR A 75 6.13 1.15 6.37
N TYR A 76 5.47 0.05 6.03
CA TYR A 76 4.29 0.12 5.17
C TYR A 76 3.19 0.97 5.77
N ASN A 77 2.52 1.75 4.92
CA ASN A 77 1.36 2.53 5.34
C ASN A 77 0.37 2.62 4.19
N LYS A 78 -0.82 2.05 4.39
CA LYS A 78 -1.83 1.98 3.35
C LYS A 78 -2.00 3.33 2.66
N ASP A 79 -1.81 4.42 3.39
CA ASP A 79 -2.09 5.75 2.84
C ASP A 79 -0.90 6.34 2.11
N THR A 80 0.29 5.82 2.39
CA THR A 80 1.51 6.30 1.77
C THR A 80 2.00 5.39 0.66
N CYS A 81 1.90 4.08 0.88
CA CYS A 81 2.41 3.15 -0.11
C CYS A 81 1.37 2.81 -1.17
N LEU A 82 1.13 3.77 -2.07
CA LEU A 82 0.13 3.63 -3.12
C LEU A 82 0.62 2.81 -4.32
N PRO A 83 -0.32 2.34 -5.15
CA PRO A 83 0.13 1.58 -6.31
C PRO A 83 0.84 2.44 -7.35
N LYS A 84 2.04 2.03 -7.74
CA LYS A 84 2.73 2.60 -8.90
C LYS A 84 1.81 2.67 -10.14
N ALA A 85 1.64 3.89 -10.64
CA ALA A 85 0.89 4.19 -11.86
C ALA A 85 1.12 3.24 -13.04
N ASP A 86 2.35 2.82 -13.31
CA ASP A 86 2.57 1.93 -14.45
C ASP A 86 2.80 0.46 -14.06
N ALA A 87 2.57 0.13 -12.79
CA ALA A 87 2.77 -1.24 -12.35
C ALA A 87 1.62 -2.13 -12.83
N ALA A 88 2.00 -3.27 -13.40
CA ALA A 88 1.04 -4.28 -13.81
C ALA A 88 0.24 -4.81 -12.62
N HIS A 89 -1.07 -4.92 -12.78
CA HIS A 89 -1.93 -5.45 -11.74
C HIS A 89 -2.01 -6.98 -11.85
N ARG A 90 -2.04 -7.69 -10.72
CA ARG A 90 -2.29 -9.13 -10.76
C ARG A 90 -3.49 -9.51 -9.91
N THR A 91 -4.26 -10.48 -10.38
CA THR A 91 -5.38 -10.98 -9.61
C THR A 91 -4.89 -12.12 -8.72
N CYS A 92 -5.03 -11.94 -7.41
CA CYS A 92 -4.45 -12.84 -6.41
C CYS A 92 -5.49 -13.27 -5.39
N THR A 93 -5.41 -14.52 -4.94
CA THR A 93 -6.32 -14.98 -3.89
C THR A 93 -5.56 -15.33 -2.63
N THR A 94 -6.18 -15.05 -1.50
CA THR A 94 -5.56 -15.32 -0.22
C THR A 94 -6.61 -15.45 0.86
N VAL A 95 -6.35 -16.31 1.85
CA VAL A 95 -7.21 -16.36 3.01
C VAL A 95 -6.49 -15.75 4.20
N VAL A 96 -7.24 -15.00 5.00
CA VAL A 96 -6.70 -14.38 6.18
C VAL A 96 -7.56 -14.78 7.37
N PHE A 97 -7.00 -15.63 8.22
CA PHE A 97 -7.66 -15.98 9.46
C PHE A 97 -7.38 -14.93 10.53
N GLU A 98 -8.40 -14.65 11.34
CA GLU A 98 -8.23 -13.76 12.48
C GLU A 98 -8.92 -14.35 13.70
N ASN A 99 -8.15 -14.62 14.75
CA ASN A 99 -8.74 -15.13 15.98
C ASN A 99 -9.46 -14.01 16.71
N LEU A 100 -10.08 -14.33 17.83
CA LEU A 100 -10.82 -13.36 18.64
C LEU A 100 -9.95 -12.28 19.25
N GLN A 101 -8.64 -12.51 19.30
CA GLN A 101 -7.70 -11.55 19.90
C GLN A 101 -7.24 -10.48 18.90
N GLY A 102 -7.29 -10.82 17.62
CA GLY A 102 -6.88 -9.90 16.58
C GLY A 102 -5.64 -10.39 15.85
N ASP A 103 -5.05 -11.47 16.36
CA ASP A 103 -3.88 -12.07 15.72
C ASP A 103 -4.29 -12.71 14.41
N LYS A 104 -3.63 -12.31 13.32
CA LYS A 104 -3.99 -12.73 11.97
C LYS A 104 -2.93 -13.59 11.30
N SER A 105 -3.37 -14.45 10.38
CA SER A 105 -2.48 -15.25 9.56
C SER A 105 -2.84 -15.07 8.09
N VAL A 106 -1.88 -15.25 7.21
CA VAL A 106 -2.08 -15.05 5.78
C VAL A 106 -1.63 -16.29 5.01
N SER A 107 -2.53 -16.87 4.22
CA SER A 107 -2.17 -17.99 3.39
C SER A 107 -1.37 -17.43 2.23
N PRO A 108 -0.52 -18.25 1.63
CA PRO A 108 0.29 -17.69 0.54
C PRO A 108 -0.56 -17.29 -0.68
N PHE A 109 -0.47 -16.01 -1.05
CA PHE A 109 -1.11 -15.45 -2.24
C PHE A 109 -1.01 -16.36 -3.47
N GLU A 110 -2.16 -16.89 -3.89
CA GLU A 110 -2.21 -17.68 -5.11
C GLU A 110 -2.61 -16.73 -6.24
N CYS A 111 -1.61 -16.30 -6.99
CA CYS A 111 -1.85 -15.32 -8.03
C CYS A 111 -2.35 -15.97 -9.31
N GLU A 112 -2.43 -15.17 -10.36
CA GLU A 112 -3.03 -15.64 -11.60
C GLU A 112 -2.04 -15.55 -12.74
N ALA A 113 -1.80 -16.71 -13.38
CA ALA A 113 -0.80 -16.85 -14.42
C ALA A 113 -0.99 -15.85 -15.55
N ALA A 114 -2.25 -15.55 -15.87
CA ALA A 114 -2.62 -14.66 -16.98
C ALA A 114 -1.84 -13.33 -17.01
N PHE B 4 -23.94 -23.67 6.07
CA PHE B 4 -23.32 -22.43 6.52
C PHE B 4 -21.92 -22.69 7.06
N GLY B 5 -21.33 -23.81 6.66
CA GLY B 5 -19.99 -24.14 7.07
C GLY B 5 -18.95 -23.63 6.09
N GLY B 6 -19.44 -23.14 4.96
CA GLY B 6 -18.58 -22.60 3.92
C GLY B 6 -18.61 -21.08 3.89
N TYR B 7 -17.99 -20.50 2.87
CA TYR B 7 -17.87 -19.05 2.78
C TYR B 7 -19.20 -18.39 2.39
N SER B 8 -19.30 -17.09 2.65
CA SER B 8 -20.47 -16.29 2.26
C SER B 8 -20.01 -14.97 1.64
N GLU B 9 -20.36 -14.73 0.38
CA GLU B 9 -19.93 -13.51 -0.30
C GLU B 9 -20.50 -12.27 0.41
N ARG B 10 -19.92 -11.10 0.12
CA ARG B 10 -20.26 -9.88 0.85
C ARG B 10 -20.98 -8.83 0.00
N HIS B 13 -19.50 -5.78 -0.09
CA HIS B 13 -18.34 -5.67 0.78
C HIS B 13 -17.76 -4.27 0.85
N GLN B 14 -17.73 -3.59 -0.28
CA GLN B 14 -17.04 -2.31 -0.43
C GLN B 14 -17.37 -1.28 0.65
N ALA B 15 -18.58 -1.36 1.19
CA ALA B 15 -19.06 -0.39 2.18
C ALA B 15 -18.53 -0.68 3.58
N ASN B 16 -17.31 -1.21 3.67
CA ASN B 16 -16.64 -1.41 4.96
C ASN B 16 -15.11 -1.44 4.85
N PRO B 17 -14.44 -0.55 5.60
CA PRO B 17 -12.99 -0.48 5.61
C PRO B 17 -12.34 -1.66 6.31
N GLU B 18 -13.14 -2.42 7.07
CA GLU B 18 -12.61 -3.60 7.76
C GLU B 18 -11.95 -4.51 6.73
N PHE B 19 -12.67 -4.79 5.65
CA PHE B 19 -12.16 -5.69 4.63
C PHE B 19 -10.96 -5.07 3.91
N LEU B 20 -11.03 -3.77 3.62
CA LEU B 20 -9.93 -3.11 2.93
C LEU B 20 -8.69 -3.16 3.82
N ASN B 21 -8.81 -2.65 5.03
CA ASN B 21 -7.69 -2.57 5.95
C ASN B 21 -7.05 -3.94 6.21
N LEU B 22 -7.82 -4.99 5.96
CA LEU B 22 -7.36 -6.37 6.08
C LEU B 22 -6.68 -6.87 4.78
N ALA B 23 -7.08 -6.29 3.65
CA ALA B 23 -6.47 -6.61 2.39
C ALA B 23 -5.06 -6.04 2.36
N HIS B 24 -4.94 -4.84 2.90
CA HIS B 24 -3.65 -4.15 2.99
C HIS B 24 -2.69 -4.92 3.90
N TYR B 25 -3.17 -5.29 5.08
CA TYR B 25 -2.40 -6.10 6.01
C TYR B 25 -1.80 -7.30 5.28
N ALA B 26 -2.68 -8.08 4.67
CA ALA B 26 -2.30 -9.31 3.99
C ALA B 26 -1.25 -9.09 2.90
N THR B 27 -1.39 -7.99 2.17
CA THR B 27 -0.57 -7.77 0.98
C THR B 27 0.82 -7.26 1.34
N SER B 28 0.89 -6.35 2.31
CA SER B 28 2.19 -5.91 2.76
C SER B 28 2.90 -7.07 3.48
N THR B 29 2.14 -7.82 4.29
CA THR B 29 2.70 -8.96 5.01
C THR B 29 3.28 -9.99 4.06
N TRP B 30 2.52 -10.37 3.05
CA TRP B 30 2.97 -11.44 2.19
C TRP B 30 4.16 -11.04 1.34
N SER B 31 4.09 -9.86 0.75
CA SER B 31 5.05 -9.46 -0.28
C SER B 31 6.39 -8.99 0.33
N ALA B 32 6.36 -8.69 1.62
CA ALA B 32 7.57 -8.40 2.37
C ALA B 32 8.33 -9.68 2.76
N GLN B 33 8.11 -10.77 2.04
CA GLN B 33 8.80 -12.03 2.30
C GLN B 33 9.25 -12.72 1.01
N GLN B 34 8.79 -12.26 -0.15
CA GLN B 34 9.19 -12.90 -1.39
C GLN B 34 10.61 -12.53 -1.80
N PRO B 35 11.28 -13.41 -2.55
CA PRO B 35 12.58 -13.10 -3.17
C PRO B 35 12.48 -12.18 -4.39
N GLY B 36 13.56 -11.46 -4.68
CA GLY B 36 13.60 -10.52 -5.78
C GLY B 36 12.82 -9.26 -5.47
N LYS B 37 12.34 -9.16 -4.25
CA LYS B 37 11.45 -8.08 -3.86
C LYS B 37 12.23 -6.86 -3.33
N THR B 38 11.99 -5.71 -3.94
CA THR B 38 12.57 -4.44 -3.48
C THR B 38 11.51 -3.55 -2.85
N HIS B 39 10.27 -3.68 -3.32
CA HIS B 39 9.14 -2.89 -2.81
C HIS B 39 8.03 -3.75 -2.21
N PHE B 40 7.33 -3.20 -1.23
CA PHE B 40 6.02 -3.71 -0.86
C PHE B 40 5.06 -3.74 -2.07
N ASP B 41 4.25 -4.80 -2.15
CA ASP B 41 3.06 -4.83 -2.99
C ASP B 41 1.93 -4.14 -2.25
N THR B 42 0.95 -3.61 -2.98
CA THR B 42 -0.19 -3.01 -2.33
C THR B 42 -1.47 -3.39 -3.02
N VAL B 43 -2.57 -2.88 -2.47
CA VAL B 43 -3.90 -3.13 -3.00
C VAL B 43 -4.25 -2.16 -4.13
N ALA B 44 -4.56 -2.71 -5.30
CA ALA B 44 -5.10 -1.90 -6.39
C ALA B 44 -6.61 -1.92 -6.27
N GLU B 45 -7.12 -3.04 -5.78
CA GLU B 45 -8.57 -3.23 -5.70
C GLU B 45 -8.97 -4.50 -4.96
N VAL B 46 -9.91 -4.35 -4.04
CA VAL B 46 -10.59 -5.50 -3.49
C VAL B 46 -11.65 -5.95 -4.49
N VAL B 47 -11.48 -7.17 -5.03
CA VAL B 47 -12.43 -7.69 -6.01
C VAL B 47 -13.58 -8.41 -5.33
N LYS B 48 -13.26 -9.39 -4.50
CA LYS B 48 -14.28 -10.16 -3.79
C LYS B 48 -13.86 -10.46 -2.36
N VAL B 49 -14.83 -10.43 -1.45
CA VAL B 49 -14.62 -10.81 -0.07
C VAL B 49 -15.58 -11.92 0.36
N GLU B 50 -15.06 -12.93 1.04
CA GLU B 50 -15.89 -13.97 1.63
C GLU B 50 -15.45 -14.25 3.07
N THR B 51 -16.42 -14.35 3.98
CA THR B 51 -16.09 -14.76 5.33
C THR B 51 -16.65 -16.13 5.63
N GLN B 52 -16.02 -16.78 6.60
CA GLN B 52 -16.35 -18.12 7.05
C GLN B 52 -15.94 -18.23 8.51
N VAL B 53 -16.90 -18.49 9.38
CA VAL B 53 -16.59 -18.61 10.79
C VAL B 53 -15.86 -19.93 11.03
N VAL B 54 -14.77 -19.87 11.78
CA VAL B 54 -14.05 -21.06 12.15
C VAL B 54 -14.15 -21.21 13.66
N ALA B 55 -14.92 -22.20 14.10
CA ALA B 55 -15.16 -22.40 15.52
C ALA B 55 -15.17 -23.88 15.82
N GLY B 56 -14.62 -24.25 16.97
CA GLY B 56 -14.56 -25.64 17.35
C GLY B 56 -13.58 -25.78 18.49
N THR B 57 -12.99 -26.96 18.58
CA THR B 57 -12.02 -27.26 19.63
C THR B 57 -10.94 -28.23 19.18
N ASN B 58 -9.71 -27.94 19.56
CA ASN B 58 -8.55 -28.71 19.15
C ASN B 58 -8.15 -29.73 20.20
N TYR B 59 -8.06 -30.99 19.81
CA TYR B 59 -7.71 -32.04 20.75
C TYR B 59 -6.31 -32.55 20.52
N ARG B 60 -5.37 -32.11 21.35
CA ARG B 60 -4.02 -32.67 21.29
C ARG B 60 -3.92 -33.93 22.13
N LEU B 61 -3.67 -35.06 21.47
CA LEU B 61 -3.73 -36.37 22.09
C LEU B 61 -2.37 -37.03 22.13
N THR B 62 -1.87 -37.31 23.33
CA THR B 62 -0.64 -38.07 23.46
C THR B 62 -1.09 -39.50 23.68
N LEU B 63 -0.54 -40.43 22.91
CA LEU B 63 -1.12 -41.76 22.85
C LEU B 63 -0.07 -42.85 22.85
N LYS B 64 -0.41 -43.97 23.47
CA LYS B 64 0.29 -45.23 23.28
C LYS B 64 -0.44 -45.98 22.16
N VAL B 65 0.28 -46.26 21.09
CA VAL B 65 -0.26 -46.85 19.87
C VAL B 65 0.43 -48.18 19.55
N ALA B 66 -0.34 -49.15 19.06
CA ALA B 66 0.20 -50.46 18.72
C ALA B 66 -0.60 -51.12 17.60
N GLU B 67 0.07 -51.98 16.82
CA GLU B 67 -0.56 -52.79 15.78
C GLU B 67 -1.79 -53.46 16.38
N SER B 68 -2.93 -53.35 15.69
CA SER B 68 -4.17 -54.00 16.15
C SER B 68 -4.37 -55.39 15.52
N THR B 69 -5.46 -56.06 15.89
CA THR B 69 -5.77 -57.38 15.34
C THR B 69 -6.45 -57.36 13.95
N CYS B 70 -6.97 -56.20 13.56
CA CYS B 70 -7.76 -56.06 12.34
C CYS B 70 -6.94 -55.80 11.08
N GLU B 71 -7.41 -56.28 9.94
CA GLU B 71 -6.68 -55.99 8.73
C GLU B 71 -7.24 -54.73 8.13
N LEU B 72 -6.43 -54.07 7.31
CA LEU B 72 -6.86 -52.85 6.65
C LEU B 72 -8.05 -53.15 5.75
N THR B 73 -8.15 -54.41 5.30
CA THR B 73 -9.25 -54.81 4.43
C THR B 73 -10.59 -54.82 5.16
N SER B 74 -10.57 -54.74 6.49
CA SER B 74 -11.80 -54.86 7.26
C SER B 74 -12.23 -53.51 7.83
N THR B 75 -13.46 -53.46 8.32
CA THR B 75 -13.97 -52.23 8.89
C THR B 75 -13.53 -52.13 10.32
N TYR B 76 -12.90 -51.01 10.67
CA TYR B 76 -12.30 -50.84 11.99
C TYR B 76 -13.39 -50.66 13.05
N ASN B 77 -13.32 -51.48 14.08
CA ASN B 77 -14.17 -51.33 15.25
C ASN B 77 -13.31 -51.40 16.50
N LYS B 78 -13.39 -50.38 17.35
CA LYS B 78 -12.50 -50.35 18.50
C LYS B 78 -12.73 -51.52 19.47
N ASP B 79 -13.94 -52.08 19.49
CA ASP B 79 -14.23 -53.11 20.48
C ASP B 79 -13.63 -54.44 20.09
N THR B 80 -13.31 -54.62 18.81
CA THR B 80 -12.74 -55.88 18.35
C THR B 80 -11.42 -55.73 17.65
N CYS B 81 -11.06 -54.50 17.31
CA CYS B 81 -9.71 -54.24 16.80
C CYS B 81 -8.83 -53.87 17.99
N LEU B 82 -8.54 -54.87 18.82
CA LEU B 82 -7.78 -54.69 20.05
C LEU B 82 -6.28 -54.76 19.81
N PRO B 83 -5.48 -54.17 20.73
CA PRO B 83 -4.03 -54.18 20.52
C PRO B 83 -3.43 -55.57 20.71
N LYS B 84 -2.70 -56.01 19.69
CA LYS B 84 -1.93 -57.23 19.70
C LYS B 84 -0.98 -57.32 20.91
N ALA B 85 -1.10 -58.39 21.71
CA ALA B 85 -0.32 -58.51 22.94
C ALA B 85 1.21 -58.48 22.73
N ASP B 86 1.63 -58.90 21.54
CA ASP B 86 3.02 -58.81 21.04
C ASP B 86 3.49 -57.40 20.70
N ALA B 87 2.59 -56.62 20.09
CA ALA B 87 2.96 -55.37 19.43
C ALA B 87 3.70 -54.40 20.33
N ALA B 88 4.65 -53.68 19.74
CA ALA B 88 5.37 -52.64 20.43
C ALA B 88 4.48 -51.42 20.55
N HIS B 89 4.50 -50.78 21.71
CA HIS B 89 3.74 -49.57 21.95
C HIS B 89 4.63 -48.41 21.54
N ARG B 90 4.04 -47.40 20.88
CA ARG B 90 4.78 -46.22 20.45
C ARG B 90 4.11 -45.00 21.01
N THR B 91 4.88 -44.06 21.51
CA THR B 91 4.26 -42.87 22.04
C THR B 91 4.10 -41.90 20.88
N CYS B 92 2.86 -41.50 20.63
CA CYS B 92 2.55 -40.71 19.44
C CYS B 92 1.75 -39.48 19.79
N THR B 93 1.87 -38.45 18.99
CA THR B 93 1.07 -37.26 19.22
C THR B 93 0.32 -36.90 17.94
N THR B 94 -0.91 -36.43 18.14
CA THR B 94 -1.75 -35.94 17.07
C THR B 94 -2.64 -34.83 17.58
N VAL B 95 -3.12 -34.00 16.65
CA VAL B 95 -4.20 -33.08 16.98
C VAL B 95 -5.40 -33.42 16.13
N VAL B 96 -6.55 -33.53 16.78
CA VAL B 96 -7.83 -33.68 16.09
C VAL B 96 -8.67 -32.39 16.24
N PHE B 97 -9.02 -31.76 15.12
CA PHE B 97 -9.90 -30.58 15.16
C PHE B 97 -11.35 -30.97 14.92
N GLU B 98 -12.26 -30.39 15.69
CA GLU B 98 -13.65 -30.77 15.60
C GLU B 98 -14.52 -29.53 15.70
N ASN B 99 -14.96 -29.07 14.54
CA ASN B 99 -15.89 -27.96 14.47
C ASN B 99 -17.27 -28.46 14.86
N LEU B 100 -18.20 -27.53 15.00
CA LEU B 100 -19.51 -27.81 15.58
C LEU B 100 -20.25 -28.89 14.79
N GLN B 101 -20.04 -28.91 13.49
CA GLN B 101 -20.74 -29.85 12.62
C GLN B 101 -20.37 -31.30 12.97
N GLY B 102 -19.26 -31.45 13.69
CA GLY B 102 -18.76 -32.77 14.04
C GLY B 102 -17.65 -33.22 13.11
N ASP B 103 -17.28 -32.38 12.15
CA ASP B 103 -16.26 -32.78 11.18
C ASP B 103 -14.88 -32.71 11.81
N LYS B 104 -14.16 -33.83 11.71
CA LYS B 104 -12.85 -33.97 12.35
C LYS B 104 -11.73 -34.08 11.34
N SER B 105 -10.57 -33.54 11.69
CA SER B 105 -9.41 -33.71 10.85
C SER B 105 -8.26 -34.08 11.76
N VAL B 106 -7.45 -35.04 11.32
CA VAL B 106 -6.45 -35.69 12.13
C VAL B 106 -5.04 -35.38 11.66
N SER B 107 -4.35 -34.51 12.39
CA SER B 107 -3.00 -34.14 12.01
C SER B 107 -2.13 -35.38 12.01
N PRO B 108 -1.13 -35.40 11.12
CA PRO B 108 -0.23 -36.54 10.99
C PRO B 108 0.48 -36.89 12.28
N PHE B 109 0.31 -38.14 12.72
CA PHE B 109 0.95 -38.67 13.91
C PHE B 109 2.45 -38.47 13.92
N GLU B 110 2.94 -37.94 15.03
CA GLU B 110 4.37 -37.86 15.28
C GLU B 110 4.73 -38.85 16.38
N CYS B 111 5.73 -39.69 16.15
CA CYS B 111 6.02 -40.77 17.09
C CYS B 111 7.49 -40.84 17.51
N GLU B 112 7.72 -40.93 18.81
CA GLU B 112 9.05 -41.15 19.35
C GLU B 112 9.68 -42.42 18.80
N ALA B 113 10.94 -42.31 18.38
CA ALA B 113 11.60 -43.34 17.60
C ALA B 113 12.21 -44.46 18.44
N ALA B 114 12.35 -44.23 19.74
CA ALA B 114 13.06 -45.16 20.62
C ALA B 114 12.30 -46.47 20.84
N PHE C 4 11.18 9.69 -15.81
CA PHE C 4 10.11 9.34 -14.88
C PHE C 4 9.71 10.54 -14.07
N GLY C 5 8.42 10.88 -14.13
CA GLY C 5 7.94 12.14 -13.61
C GLY C 5 7.25 12.06 -12.26
N GLY C 6 7.40 10.96 -11.56
CA GLY C 6 6.81 10.86 -10.24
C GLY C 6 7.87 10.94 -9.16
N TYR C 7 7.51 10.44 -7.97
CA TYR C 7 8.40 10.45 -6.81
C TYR C 7 9.01 9.10 -6.64
N SER C 8 10.32 9.07 -6.40
CA SER C 8 10.99 7.80 -6.17
C SER C 8 11.57 7.78 -4.77
N GLU C 9 11.28 6.70 -4.05
CA GLU C 9 11.79 6.55 -2.69
C GLU C 9 13.29 6.33 -2.74
N ARG C 10 13.99 6.90 -1.77
CA ARG C 10 15.45 6.83 -1.72
C ARG C 10 15.92 6.51 -0.30
N HIS C 13 19.62 5.10 2.30
CA HIS C 13 19.72 6.43 1.73
C HIS C 13 20.72 7.31 2.47
N GLN C 14 20.89 7.07 3.77
CA GLN C 14 21.68 7.93 4.65
C GLN C 14 23.14 7.87 4.28
N ALA C 15 23.46 6.98 3.34
CA ALA C 15 24.71 6.94 2.58
C ALA C 15 24.99 8.24 1.81
N ASN C 16 24.01 9.14 1.79
CA ASN C 16 24.17 10.46 1.21
C ASN C 16 23.76 11.61 2.15
N PRO C 17 24.59 12.66 2.21
CA PRO C 17 24.44 13.78 3.14
C PRO C 17 23.75 15.00 2.56
N GLU C 18 23.49 15.00 1.25
CA GLU C 18 22.81 16.16 0.70
C GLU C 18 21.35 16.12 1.12
N PHE C 19 20.84 14.93 1.40
CA PHE C 19 19.50 14.77 1.93
C PHE C 19 19.42 15.40 3.30
N LEU C 20 20.40 15.08 4.12
CA LEU C 20 20.44 15.61 5.47
C LEU C 20 20.56 17.14 5.42
N ASN C 21 21.46 17.65 4.59
CA ASN C 21 21.62 19.10 4.43
C ASN C 21 20.34 19.80 4.01
N LEU C 22 19.66 19.22 3.01
CA LEU C 22 18.33 19.66 2.63
C LEU C 22 17.31 19.51 3.78
N ALA C 23 17.39 18.42 4.52
CA ALA C 23 16.47 18.26 5.65
C ALA C 23 16.76 19.34 6.70
N HIS C 24 18.04 19.69 6.87
CA HIS C 24 18.42 20.78 7.78
C HIS C 24 18.09 22.18 7.24
N TYR C 25 18.23 22.40 5.93
CA TYR C 25 17.79 23.66 5.33
C TYR C 25 16.29 23.85 5.59
N ALA C 26 15.53 22.79 5.35
CA ALA C 26 14.08 22.80 5.49
C ALA C 26 13.62 23.18 6.87
N THR C 27 14.20 22.48 7.85
CA THR C 27 13.78 22.63 9.23
C THR C 27 14.22 23.97 9.77
N SER C 28 15.47 24.37 9.53
CA SER C 28 15.91 25.68 10.02
C SER C 28 15.19 26.83 9.33
N THR C 29 14.99 26.74 8.02
CA THR C 29 14.33 27.81 7.27
C THR C 29 12.89 27.98 7.70
N TRP C 30 12.19 26.88 7.83
CA TRP C 30 10.78 26.90 8.16
C TRP C 30 10.55 27.42 9.56
N SER C 31 11.25 26.82 10.53
CA SER C 31 11.05 27.20 11.92
C SER C 31 11.40 28.67 12.11
N ALA C 32 12.38 29.18 11.35
CA ALA C 32 12.72 30.61 11.43
C ALA C 32 11.56 31.49 10.96
N GLN C 33 10.61 30.88 10.27
CA GLN C 33 9.48 31.62 9.72
C GLN C 33 8.33 31.58 10.71
N GLN C 34 8.35 30.63 11.61
CA GLN C 34 7.20 30.42 12.50
C GLN C 34 7.13 31.48 13.58
N PRO C 35 5.99 32.18 13.63
CA PRO C 35 5.76 33.25 14.59
C PRO C 35 5.56 32.70 16.01
N GLY C 36 6.36 33.20 16.95
CA GLY C 36 6.21 32.78 18.34
C GLY C 36 7.22 31.76 18.83
N LYS C 37 7.99 31.17 17.91
CA LYS C 37 9.13 30.34 18.27
C LYS C 37 10.32 31.23 18.66
N THR C 38 11.22 30.68 19.47
CA THR C 38 12.45 31.39 19.86
C THR C 38 13.70 30.63 19.46
N HIS C 39 13.57 29.36 19.09
CA HIS C 39 14.71 28.54 18.71
C HIS C 39 14.54 27.91 17.36
N PHE C 40 15.67 27.67 16.68
CA PHE C 40 15.63 26.84 15.50
C PHE C 40 15.11 25.46 15.87
N ASP C 41 14.27 24.91 15.02
CA ASP C 41 13.99 23.48 15.02
C ASP C 41 15.11 22.80 14.26
N THR C 42 15.45 21.57 14.62
CA THR C 42 16.41 20.83 13.82
C THR C 42 15.94 19.43 13.51
N VAL C 43 16.86 18.59 13.04
CA VAL C 43 16.55 17.24 12.59
C VAL C 43 16.84 16.23 13.70
N ALA C 44 15.83 15.44 14.07
CA ALA C 44 16.05 14.30 14.94
C ALA C 44 16.25 13.05 14.10
N GLU C 45 15.63 13.03 12.92
CA GLU C 45 15.79 11.89 12.02
C GLU C 45 15.18 12.10 10.63
N VAL C 46 15.93 11.68 9.61
CA VAL C 46 15.36 11.53 8.29
C VAL C 46 14.73 10.13 8.14
N VAL C 47 13.41 10.09 8.24
CA VAL C 47 12.63 8.86 8.14
C VAL C 47 12.55 8.35 6.70
N LYS C 48 12.26 9.26 5.76
CA LYS C 48 12.05 8.93 4.33
C LYS C 48 12.46 10.07 3.38
N VAL C 49 13.04 9.71 2.24
CA VAL C 49 13.41 10.69 1.22
C VAL C 49 12.93 10.30 -0.17
N GLU C 50 12.10 11.14 -0.80
CA GLU C 50 11.64 10.89 -2.17
C GLU C 50 12.00 12.02 -3.12
N THR C 51 12.34 11.70 -4.36
CA THR C 51 12.75 12.73 -5.31
C THR C 51 11.91 12.71 -6.57
N GLN C 52 11.59 13.91 -7.04
CA GLN C 52 10.87 14.09 -8.30
C GLN C 52 11.64 15.06 -9.15
N VAL C 53 12.05 14.61 -10.33
CA VAL C 53 12.68 15.49 -11.28
C VAL C 53 11.59 16.36 -11.87
N VAL C 54 11.77 17.67 -11.84
CA VAL C 54 10.83 18.60 -12.46
C VAL C 54 11.57 19.37 -13.51
N ALA C 55 11.11 19.28 -14.74
CA ALA C 55 11.75 20.01 -15.84
C ALA C 55 10.75 20.37 -16.93
N GLY C 56 10.90 21.57 -17.48
CA GLY C 56 9.99 22.02 -18.52
C GLY C 56 10.10 23.47 -18.87
N THR C 57 9.08 23.97 -19.57
CA THR C 57 9.04 25.37 -19.89
C THR C 57 7.71 25.96 -19.48
N ASN C 58 7.76 27.05 -18.75
CA ASN C 58 6.60 27.88 -18.57
C ASN C 58 6.44 28.78 -19.78
N TYR C 59 5.26 28.77 -20.38
CA TYR C 59 4.89 29.76 -21.34
C TYR C 59 3.88 30.79 -20.75
N ARG C 60 4.34 31.97 -20.37
CA ARG C 60 3.42 33.05 -19.97
C ARG C 60 2.85 33.75 -21.20
N LEU C 61 1.57 33.56 -21.47
CA LEU C 61 1.00 34.02 -22.72
C LEU C 61 -0.02 35.13 -22.57
N THR C 62 0.18 36.26 -23.24
CA THR C 62 -0.87 37.25 -23.26
C THR C 62 -1.71 37.10 -24.53
N LEU C 63 -3.00 36.77 -24.38
CA LEU C 63 -3.85 36.45 -25.53
C LEU C 63 -5.07 37.33 -25.69
N LYS C 64 -5.54 37.41 -26.92
CA LYS C 64 -6.85 37.96 -27.22
C LYS C 64 -7.72 36.76 -27.45
N VAL C 65 -8.69 36.55 -26.58
CA VAL C 65 -9.51 35.35 -26.62
C VAL C 65 -10.93 35.68 -27.02
N ALA C 66 -11.56 34.81 -27.79
CA ALA C 66 -12.94 35.03 -28.23
C ALA C 66 -13.67 33.71 -28.50
N GLU C 67 -15.00 33.73 -28.34
CA GLU C 67 -15.82 32.55 -28.56
C GLU C 67 -15.66 32.04 -30.00
N SER C 68 -15.58 30.72 -30.14
CA SER C 68 -15.31 30.11 -31.45
C SER C 68 -16.57 29.59 -32.10
N THR C 69 -16.42 28.95 -33.25
CA THR C 69 -17.55 28.45 -34.02
C THR C 69 -17.92 27.00 -33.69
N CYS C 70 -17.13 26.36 -32.82
CA CYS C 70 -17.34 24.94 -32.49
C CYS C 70 -18.04 24.76 -31.14
N GLU C 71 -19.07 23.94 -31.13
CA GLU C 71 -19.70 23.51 -29.88
C GLU C 71 -18.67 22.83 -28.97
N LEU C 72 -18.93 22.79 -27.66
CA LEU C 72 -18.00 22.13 -26.73
C LEU C 72 -18.14 20.61 -26.78
N THR C 73 -19.16 20.14 -27.50
CA THR C 73 -19.40 18.72 -27.68
C THR C 73 -18.52 18.15 -28.78
N SER C 74 -17.78 19.06 -29.43
CA SER C 74 -16.91 18.71 -30.55
C SER C 74 -15.45 18.50 -30.16
N THR C 75 -14.64 18.11 -31.14
CA THR C 75 -13.20 17.99 -30.97
C THR C 75 -12.59 19.32 -31.42
N TYR C 76 -11.83 19.95 -30.54
CA TYR C 76 -11.26 21.27 -30.86
C TYR C 76 -10.07 21.16 -31.80
N ASN C 77 -10.17 21.84 -32.94
CA ASN C 77 -9.06 21.94 -33.87
C ASN C 77 -8.82 23.41 -34.11
N LYS C 78 -7.57 23.87 -34.08
CA LYS C 78 -7.32 25.30 -34.22
C LYS C 78 -7.77 25.81 -35.58
N ASP C 79 -7.76 24.96 -36.60
CA ASP C 79 -8.09 25.40 -37.97
C ASP C 79 -9.57 25.41 -38.22
N THR C 80 -10.29 24.71 -37.36
CA THR C 80 -11.72 24.55 -37.50
C THR C 80 -12.46 25.55 -36.63
N CYS C 81 -11.99 25.69 -35.40
CA CYS C 81 -12.66 26.48 -34.37
C CYS C 81 -12.22 27.96 -34.39
N LEU C 82 -12.75 28.69 -35.39
CA LEU C 82 -12.34 30.06 -35.66
C LEU C 82 -13.11 31.10 -34.82
N PRO C 83 -12.52 32.28 -34.59
CA PRO C 83 -13.23 33.27 -33.77
C PRO C 83 -14.48 33.80 -34.45
N LYS C 84 -15.62 33.56 -33.83
CA LYS C 84 -16.91 34.12 -34.23
C LYS C 84 -16.84 35.62 -34.47
N ALA C 85 -17.34 36.06 -35.63
CA ALA C 85 -17.15 37.44 -36.09
C ALA C 85 -17.54 38.54 -35.09
N ASP C 86 -18.64 38.34 -34.38
CA ASP C 86 -19.12 39.27 -33.35
C ASP C 86 -18.39 39.22 -32.04
N ALA C 87 -18.12 38.00 -31.58
CA ALA C 87 -17.52 37.72 -30.29
C ALA C 87 -16.63 38.84 -29.73
N ALA C 88 -17.00 39.37 -28.58
CA ALA C 88 -16.10 40.26 -27.84
C ALA C 88 -14.72 39.63 -27.64
N HIS C 89 -13.69 40.37 -28.01
CA HIS C 89 -12.33 39.97 -27.68
C HIS C 89 -12.04 40.34 -26.23
N ARG C 90 -11.52 39.39 -25.45
CA ARG C 90 -10.92 39.72 -24.16
C ARG C 90 -9.41 39.50 -24.14
N THR C 91 -8.73 40.33 -23.38
CA THR C 91 -7.29 40.19 -23.21
C THR C 91 -7.08 39.45 -21.90
N CYS C 92 -6.57 38.23 -22.00
CA CYS C 92 -6.31 37.43 -20.81
C CYS C 92 -4.86 36.99 -20.81
N THR C 93 -4.38 36.66 -19.62
CA THR C 93 -3.02 36.17 -19.41
C THR C 93 -3.12 34.80 -18.77
N THR C 94 -2.18 33.93 -19.13
CA THR C 94 -2.19 32.56 -18.67
C THR C 94 -0.77 32.03 -18.77
N VAL C 95 -0.47 31.02 -17.96
CA VAL C 95 0.79 30.34 -18.05
C VAL C 95 0.60 28.86 -18.38
N VAL C 96 1.15 28.46 -19.52
CA VAL C 96 1.14 27.07 -19.90
C VAL C 96 2.48 26.43 -19.53
N PHE C 97 2.42 25.42 -18.67
CA PHE C 97 3.58 24.61 -18.37
C PHE C 97 3.60 23.35 -19.22
N GLU C 98 4.76 23.05 -19.80
CA GLU C 98 4.93 21.79 -20.53
C GLU C 98 6.18 21.11 -20.02
N ASN C 99 6.07 19.84 -19.61
CA ASN C 99 7.25 19.15 -19.10
C ASN C 99 7.94 18.28 -20.16
N LEU C 100 8.84 17.40 -19.72
CA LEU C 100 9.58 16.51 -20.62
C LEU C 100 8.68 15.40 -21.11
N GLN C 101 8.02 14.77 -20.15
CA GLN C 101 7.10 13.65 -20.39
C GLN C 101 5.92 14.05 -21.28
N GLY C 102 5.87 15.33 -21.65
CA GLY C 102 4.94 15.83 -22.64
C GLY C 102 3.67 16.49 -22.11
N ASP C 103 3.28 16.20 -20.88
CA ASP C 103 1.98 16.67 -20.42
C ASP C 103 2.04 18.15 -20.06
N LYS C 104 0.85 18.75 -19.97
CA LYS C 104 0.71 20.20 -19.95
C LYS C 104 -0.32 20.67 -18.93
N SER C 105 -0.19 21.92 -18.53
CA SER C 105 -1.12 22.50 -17.60
C SER C 105 -1.33 23.96 -17.96
N VAL C 106 -2.51 24.46 -17.63
CA VAL C 106 -2.90 25.80 -17.99
C VAL C 106 -3.31 26.49 -16.70
N SER C 107 -2.74 27.66 -16.44
CA SER C 107 -3.11 28.34 -15.24
C SER C 107 -4.34 29.19 -15.55
N PRO C 108 -5.19 29.46 -14.54
CA PRO C 108 -6.50 30.06 -14.81
C PRO C 108 -6.39 31.40 -15.52
N PHE C 109 -7.22 31.62 -16.52
CA PHE C 109 -7.12 32.85 -17.29
C PHE C 109 -7.37 34.10 -16.43
N GLU C 110 -6.41 35.01 -16.44
CA GLU C 110 -6.55 36.31 -15.82
C GLU C 110 -6.93 37.33 -16.89
N CYS C 111 -8.23 37.44 -17.17
CA CYS C 111 -8.71 38.34 -18.21
C CYS C 111 -9.01 39.71 -17.63
N GLU C 112 -8.67 40.75 -18.35
CA GLU C 112 -9.05 42.09 -17.92
C GLU C 112 -10.42 42.42 -18.51
N ALA C 113 -11.41 42.49 -17.64
CA ALA C 113 -12.71 42.97 -18.03
C ALA C 113 -12.56 44.46 -18.26
N ALA C 114 -12.60 44.87 -19.52
CA ALA C 114 -12.40 46.27 -19.87
C ALA C 114 -13.75 47.00 -19.99
N PHE D 4 19.77 30.35 -16.51
CA PHE D 4 18.82 31.46 -16.36
C PHE D 4 17.42 30.94 -16.01
N GLY D 5 16.80 31.58 -15.01
CA GLY D 5 15.52 31.11 -14.53
C GLY D 5 14.47 32.19 -14.52
N GLY D 6 14.57 33.14 -15.45
CA GLY D 6 13.56 34.18 -15.60
C GLY D 6 12.67 33.98 -16.82
N TYR D 7 11.67 34.84 -16.96
CA TYR D 7 10.86 34.87 -18.16
C TYR D 7 11.54 35.75 -19.18
N SER D 8 11.62 35.31 -20.42
CA SER D 8 12.13 36.15 -21.49
C SER D 8 11.07 36.34 -22.55
N GLU D 9 10.91 37.58 -22.99
CA GLU D 9 10.01 37.93 -24.09
C GLU D 9 10.54 37.39 -25.41
N ARG D 10 9.67 36.79 -26.21
CA ARG D 10 10.06 36.16 -27.47
C ARG D 10 9.56 36.97 -28.66
N ALA D 11 10.49 37.45 -29.50
CA ALA D 11 10.18 38.45 -30.54
C ALA D 11 9.36 38.03 -31.75
N ASN D 12 9.93 37.17 -32.58
CA ASN D 12 9.21 36.70 -33.76
C ASN D 12 8.42 35.48 -33.31
N HIS D 13 7.34 35.69 -32.56
CA HIS D 13 6.58 34.56 -32.05
C HIS D 13 5.52 34.11 -33.05
N GLN D 14 5.30 34.92 -34.09
CA GLN D 14 4.46 34.47 -35.20
C GLN D 14 5.31 33.57 -36.08
N ALA D 15 6.63 33.66 -35.90
CA ALA D 15 7.57 32.76 -36.58
C ALA D 15 7.45 31.33 -36.05
N ASN D 16 7.06 31.18 -34.79
CA ASN D 16 6.84 29.83 -34.27
C ASN D 16 5.36 29.47 -34.16
N PRO D 17 4.98 28.42 -34.88
CA PRO D 17 3.66 27.80 -34.77
C PRO D 17 3.47 27.13 -33.44
N GLU D 18 4.56 26.93 -32.71
CA GLU D 18 4.47 26.21 -31.46
C GLU D 18 3.87 27.10 -30.38
N PHE D 19 4.21 28.37 -30.44
CA PHE D 19 3.59 29.34 -29.56
C PHE D 19 2.10 29.41 -29.81
N LEU D 20 1.72 29.63 -31.08
CA LEU D 20 0.32 29.65 -31.48
C LEU D 20 -0.36 28.35 -31.06
N ASN D 21 0.35 27.22 -31.16
CA ASN D 21 -0.19 25.93 -30.73
C ASN D 21 -0.59 25.96 -29.29
N LEU D 22 0.43 26.16 -28.45
CA LEU D 22 0.26 26.28 -27.02
C LEU D 22 -0.87 27.23 -26.65
N ALA D 23 -0.98 28.33 -27.37
CA ALA D 23 -2.06 29.25 -27.10
C ALA D 23 -3.43 28.58 -27.31
N HIS D 24 -3.52 27.67 -28.29
CA HIS D 24 -4.79 27.03 -28.62
C HIS D 24 -5.11 25.90 -27.63
N TYR D 25 -4.10 25.14 -27.21
CA TYR D 25 -4.27 24.25 -26.08
C TYR D 25 -4.82 24.98 -24.89
N ALA D 26 -4.19 26.11 -24.57
CA ALA D 26 -4.55 26.90 -23.40
C ALA D 26 -6.00 27.28 -23.44
N THR D 27 -6.34 28.06 -24.44
CA THR D 27 -7.68 28.59 -24.58
C THR D 27 -8.78 27.53 -24.57
N SER D 28 -8.58 26.46 -25.31
CA SER D 28 -9.64 25.47 -25.46
C SER D 28 -9.76 24.60 -24.20
N THR D 29 -8.63 24.14 -23.67
CA THR D 29 -8.62 23.36 -22.44
C THR D 29 -9.30 24.14 -21.33
N TRP D 30 -8.83 25.38 -21.16
CA TRP D 30 -9.36 26.23 -20.12
C TRP D 30 -10.84 26.57 -20.31
N SER D 31 -11.23 27.07 -21.49
CA SER D 31 -12.63 27.50 -21.67
C SER D 31 -13.58 26.31 -21.50
N ALA D 32 -13.17 25.13 -21.93
CA ALA D 32 -13.95 23.92 -21.69
C ALA D 32 -14.17 23.57 -20.20
N GLN D 33 -13.45 24.20 -19.28
CA GLN D 33 -13.70 23.94 -17.87
C GLN D 33 -14.67 24.95 -17.28
N GLN D 34 -15.07 25.95 -18.07
CA GLN D 34 -15.90 27.06 -17.58
C GLN D 34 -17.41 26.82 -17.65
N PRO D 35 -18.07 26.88 -16.49
CA PRO D 35 -19.54 26.82 -16.41
C PRO D 35 -20.17 27.94 -17.22
N GLY D 36 -21.37 27.69 -17.75
CA GLY D 36 -22.07 28.70 -18.54
C GLY D 36 -21.33 29.10 -19.80
N LYS D 37 -20.79 28.10 -20.49
CA LYS D 37 -20.25 28.25 -21.83
C LYS D 37 -20.80 27.12 -22.69
N THR D 38 -21.00 27.40 -23.98
CA THR D 38 -21.55 26.43 -24.93
C THR D 38 -20.54 26.07 -26.02
N HIS D 39 -19.59 26.96 -26.26
CA HIS D 39 -18.60 26.78 -27.30
C HIS D 39 -17.19 26.83 -26.71
N PHE D 40 -16.26 26.17 -27.38
CA PHE D 40 -14.84 26.40 -27.12
C PHE D 40 -14.53 27.86 -27.36
N ASP D 41 -13.64 28.44 -26.57
CA ASP D 41 -13.02 29.72 -26.91
C ASP D 41 -11.81 29.46 -27.80
N THR D 42 -11.34 30.47 -28.49
CA THR D 42 -10.19 30.29 -29.38
C THR D 42 -9.31 31.55 -29.34
N VAL D 43 -8.18 31.49 -30.04
CA VAL D 43 -7.23 32.59 -30.05
C VAL D 43 -7.56 33.55 -31.17
N ALA D 44 -7.78 34.81 -30.82
CA ALA D 44 -8.02 35.87 -31.78
C ALA D 44 -6.71 36.46 -32.24
N GLU D 45 -5.69 36.31 -31.38
CA GLU D 45 -4.38 36.91 -31.60
C GLU D 45 -3.46 36.62 -30.42
N VAL D 46 -2.22 36.23 -30.71
CA VAL D 46 -1.22 36.06 -29.66
C VAL D 46 -0.50 37.37 -29.49
N VAL D 47 -0.80 38.08 -28.41
CA VAL D 47 -0.18 39.35 -28.13
C VAL D 47 1.28 39.22 -27.67
N LYS D 48 1.55 38.31 -26.75
CA LYS D 48 2.89 38.21 -26.19
C LYS D 48 3.18 36.82 -25.63
N VAL D 49 4.42 36.39 -25.86
CA VAL D 49 4.92 35.10 -25.44
C VAL D 49 6.19 35.29 -24.62
N GLU D 50 6.20 34.73 -23.40
CA GLU D 50 7.41 34.73 -22.57
C GLU D 50 7.72 33.32 -22.06
N THR D 51 8.98 32.93 -22.12
CA THR D 51 9.32 31.56 -21.76
C THR D 51 10.26 31.62 -20.56
N GLN D 52 10.20 30.57 -19.74
CA GLN D 52 11.06 30.40 -18.57
C GLN D 52 11.31 28.90 -18.39
N VAL D 53 12.58 28.53 -18.35
CA VAL D 53 12.94 27.14 -18.23
C VAL D 53 13.00 26.76 -16.76
N VAL D 54 12.22 25.73 -16.42
CA VAL D 54 12.12 25.24 -15.05
C VAL D 54 12.72 23.87 -14.94
N ALA D 55 13.71 23.75 -14.06
CA ALA D 55 14.47 22.53 -13.92
C ALA D 55 14.96 22.38 -12.52
N GLY D 56 14.55 21.29 -11.88
CA GLY D 56 14.93 21.07 -10.51
C GLY D 56 14.54 19.73 -9.95
N THR D 57 14.72 19.61 -8.64
CA THR D 57 14.34 18.41 -7.94
C THR D 57 13.50 18.77 -6.72
N ASN D 58 12.35 18.12 -6.62
CA ASN D 58 11.56 18.16 -5.40
C ASN D 58 12.08 17.08 -4.51
N TYR D 59 12.41 17.44 -3.26
CA TYR D 59 12.72 16.46 -2.22
C TYR D 59 11.56 16.41 -1.23
N ARG D 60 10.70 15.39 -1.35
CA ARG D 60 9.65 15.21 -0.34
C ARG D 60 10.25 14.53 0.88
N LEU D 61 10.35 15.25 1.98
CA LEU D 61 11.05 14.72 3.14
C LEU D 61 10.10 14.32 4.26
N THR D 62 10.36 13.16 4.84
CA THR D 62 9.71 12.81 6.09
C THR D 62 10.72 12.90 7.24
N LEU D 63 10.42 13.80 8.19
CA LEU D 63 11.34 14.12 9.27
C LEU D 63 10.74 13.91 10.65
N LYS D 64 11.58 13.50 11.59
CA LYS D 64 11.33 13.67 13.01
C LYS D 64 12.03 14.97 13.42
N VAL D 65 11.26 15.90 13.98
CA VAL D 65 11.73 17.26 14.26
C VAL D 65 11.67 17.64 15.75
N ALA D 66 12.65 18.42 16.22
CA ALA D 66 12.72 18.84 17.63
C ALA D 66 13.27 20.24 17.78
N GLU D 67 12.97 20.89 18.90
CA GLU D 67 13.57 22.17 19.23
C GLU D 67 15.07 21.97 19.39
N SER D 68 15.85 22.77 18.67
CA SER D 68 17.29 22.73 18.75
C SER D 68 17.79 23.50 19.96
N THR D 69 19.09 23.49 20.16
CA THR D 69 19.72 24.24 21.23
C THR D 69 20.00 25.69 20.83
N CYS D 70 19.92 25.99 19.53
CA CYS D 70 20.32 27.31 19.03
C CYS D 70 19.20 28.33 19.07
N GLU D 71 19.48 29.53 19.59
CA GLU D 71 18.54 30.64 19.49
C GLU D 71 18.35 31.07 18.03
N LEU D 72 17.19 31.62 17.70
CA LEU D 72 16.91 32.11 16.34
C LEU D 72 17.80 33.28 16.02
N THR D 73 18.30 33.92 17.06
CA THR D 73 19.18 35.06 16.96
C THR D 73 20.62 34.60 16.88
N SER D 74 20.93 33.83 15.84
CA SER D 74 22.27 33.29 15.58
C SER D 74 22.29 32.53 14.24
N THR D 75 23.50 32.22 13.76
CA THR D 75 23.66 31.44 12.54
C THR D 75 23.38 29.96 12.83
N TYR D 76 22.46 29.37 12.07
CA TYR D 76 22.14 27.96 12.19
C TYR D 76 23.24 27.12 11.57
N ASN D 77 23.69 26.13 12.32
CA ASN D 77 24.62 25.16 11.77
C ASN D 77 24.11 23.79 12.20
N LYS D 78 23.95 22.87 11.25
CA LYS D 78 23.44 21.55 11.57
C LYS D 78 24.25 20.91 12.72
N ASP D 79 25.56 21.15 12.71
CA ASP D 79 26.45 20.54 13.67
C ASP D 79 26.37 21.22 15.05
N THR D 80 25.95 22.47 15.08
CA THR D 80 25.89 23.21 16.32
C THR D 80 24.52 23.14 16.96
N CYS D 81 23.50 23.19 16.12
CA CYS D 81 22.12 23.29 16.57
C CYS D 81 21.48 21.90 16.68
N LEU D 82 21.77 21.25 17.80
CA LEU D 82 21.38 19.86 18.02
C LEU D 82 20.02 19.80 18.74
N PRO D 83 19.31 18.67 18.62
CA PRO D 83 18.05 18.53 19.35
C PRO D 83 18.27 18.54 20.86
N LYS D 84 17.48 19.34 21.59
CA LYS D 84 17.50 19.30 23.06
C LYS D 84 17.05 17.94 23.48
N ALA D 85 17.82 17.34 24.37
CA ALA D 85 17.55 16.00 24.89
C ALA D 85 16.10 15.81 25.33
N ASP D 86 15.50 16.88 25.82
CA ASP D 86 14.18 16.81 26.43
C ASP D 86 13.03 17.28 25.52
N ALA D 87 13.33 17.60 24.26
CA ALA D 87 12.31 18.15 23.37
C ALA D 87 11.42 17.11 22.70
N ALA D 88 10.12 17.40 22.61
CA ALA D 88 9.18 16.54 21.89
C ALA D 88 9.55 16.36 20.40
N HIS D 89 9.61 15.12 19.94
CA HIS D 89 9.76 14.83 18.52
C HIS D 89 8.39 14.73 17.87
N ARG D 90 8.18 15.45 16.79
CA ARG D 90 6.94 15.33 16.03
C ARG D 90 7.26 15.00 14.59
N THR D 91 6.48 14.11 13.99
CA THR D 91 6.71 13.69 12.61
C THR D 91 6.13 14.69 11.64
N CYS D 92 6.95 15.17 10.72
CA CYS D 92 6.46 16.18 9.79
C CYS D 92 6.77 15.83 8.35
N THR D 93 5.99 16.40 7.45
CA THR D 93 6.19 16.18 6.03
C THR D 93 6.43 17.51 5.34
N THR D 94 7.40 17.54 4.43
CA THR D 94 7.67 18.73 3.65
C THR D 94 8.26 18.42 2.28
N VAL D 95 8.26 19.44 1.44
CA VAL D 95 8.84 19.34 0.10
C VAL D 95 9.83 20.48 -0.13
N VAL D 96 11.08 20.12 -0.35
CA VAL D 96 12.11 21.08 -0.68
C VAL D 96 12.39 21.00 -2.18
N PHE D 97 12.28 22.14 -2.86
CA PHE D 97 12.61 22.23 -4.26
C PHE D 97 13.94 22.93 -4.38
N GLU D 98 14.74 22.48 -5.34
CA GLU D 98 16.03 23.10 -5.63
C GLU D 98 16.28 23.08 -7.13
N ASN D 99 16.45 24.26 -7.72
CA ASN D 99 16.66 24.36 -9.15
C ASN D 99 18.12 24.41 -9.49
N LEU D 100 18.43 24.38 -10.78
CA LEU D 100 19.80 24.39 -11.25
C LEU D 100 20.56 25.66 -10.87
N GLN D 101 19.84 26.77 -10.73
CA GLN D 101 20.46 28.01 -10.30
C GLN D 101 20.87 27.95 -8.82
N GLY D 102 20.29 27.01 -8.08
CA GLY D 102 20.58 26.88 -6.67
C GLY D 102 19.49 27.43 -5.78
N ASP D 103 18.47 28.02 -6.37
CA ASP D 103 17.36 28.58 -5.59
C ASP D 103 16.64 27.48 -4.85
N LYS D 104 16.15 27.78 -3.65
CA LYS D 104 15.46 26.77 -2.84
C LYS D 104 14.16 27.27 -2.20
N SER D 105 13.23 26.35 -2.00
CA SER D 105 11.99 26.65 -1.31
C SER D 105 11.61 25.47 -0.44
N VAL D 106 10.94 25.74 0.67
CA VAL D 106 10.41 24.71 1.56
C VAL D 106 8.92 24.84 1.60
N SER D 107 8.20 23.74 1.47
CA SER D 107 6.74 23.79 1.62
C SER D 107 6.41 23.73 3.12
N PRO D 108 5.28 24.33 3.53
CA PRO D 108 4.77 24.32 4.92
C PRO D 108 4.80 22.94 5.57
N PHE D 109 5.37 22.85 6.78
CA PHE D 109 5.47 21.57 7.46
C PHE D 109 4.11 21.02 7.86
N GLU D 110 3.82 19.80 7.41
CA GLU D 110 2.64 19.04 7.81
C GLU D 110 3.01 18.03 8.87
N CYS D 111 2.56 18.23 10.10
CA CYS D 111 2.95 17.35 11.20
C CYS D 111 1.83 16.57 11.89
N GLU D 112 2.23 15.76 12.87
CA GLU D 112 1.30 14.93 13.65
C GLU D 112 1.57 15.01 15.15
#